data_6A21
#
_entry.id   6A21
#
_cell.length_a   137.583
_cell.length_b   137.583
_cell.length_c   112.076
_cell.angle_alpha   90.00
_cell.angle_beta   90.00
_cell.angle_gamma   90.00
#
_symmetry.space_group_name_H-M   'I 4 2 2'
#
loop_
_entity.id
_entity.type
_entity.pdbx_description
1 polymer '4-hydroxymandelate oxidase'
2 non-polymer '3-[7,8-dimethyl-2,4-bis(oxidanylidene)-10-[(2S,3S,4R)-2,3,4-tris(oxidanyl)-5-phosphonooxy-pentyl]-1H-benzo[g]pteridin-5-yl]-3-oxidanylidene-propanoic acid'
3 water water
#
_entity_poly.entity_id   1
_entity_poly.type   'polypeptide(L)'
_entity_poly.pdbx_seq_one_letter_code
;MGSSHHHHHHSSGLVPRGSHMTYVSLADLERAARDVLPGEIFDFLAGGSGTEASLVANRTALERVFVIPRMLRDLTDVTT
EIDIFGRRAALPMAVAPVAYQRLFHPEGELAVARAARDAGVPYTICTLSSVSLEEIAAVGGRPWFQLFWLRDEKRSLDLV
RRAEDAGCEAIVFTVDVPWMGRRLRDMRNGFALPEWVTAANFDAGTAAHRRTQGVSAVADHTAREFAPATWESVEAVRAH
TDLPVVLKGILAVEDARRAVDAGAGGIVVSNHGGRQLDGAVPGIEMLGEIVAAVSGGCEVLVDGGIRSGGDVLKATALGA
SAVLVGRPVMWALAAAGQDGVRQLLELLAEEVRDAMGLAGCESVGAARRLNTKLGVV
;
_entity_poly.pdbx_strand_id   A
#
# COMPACT_ATOMS: atom_id res chain seq x y z
N TYR A 23 -18.13 13.40 -3.85
CA TYR A 23 -17.73 12.27 -3.01
C TYR A 23 -17.37 12.76 -1.61
N VAL A 24 -18.02 12.22 -0.57
CA VAL A 24 -17.74 12.68 0.79
C VAL A 24 -17.12 11.58 1.64
N SER A 25 -16.99 10.37 1.11
CA SER A 25 -16.31 9.25 1.74
C SER A 25 -15.77 8.33 0.65
N LEU A 26 -14.82 7.46 1.04
CA LEU A 26 -14.28 6.51 0.07
C LEU A 26 -15.34 5.53 -0.37
N ALA A 27 -16.35 5.31 0.48
CA ALA A 27 -17.41 4.37 0.12
C ALA A 27 -18.26 4.88 -1.03
N ASP A 28 -18.38 6.19 -1.19
CA ASP A 28 -19.07 6.71 -2.38
C ASP A 28 -18.40 6.19 -3.65
N LEU A 29 -17.07 6.07 -3.63
CA LEU A 29 -16.39 5.66 -4.84
C LEU A 29 -16.55 4.16 -5.12
N GLU A 30 -16.64 3.32 -4.08
CA GLU A 30 -16.86 1.91 -4.38
C GLU A 30 -18.17 1.74 -5.13
N ARG A 31 -19.21 2.45 -4.69
CA ARG A 31 -20.52 2.33 -5.36
C ARG A 31 -20.38 2.75 -6.81
N ALA A 32 -19.70 3.88 -7.04
CA ALA A 32 -19.49 4.36 -8.39
C ALA A 32 -18.73 3.35 -9.23
N ALA A 33 -17.70 2.72 -8.67
CA ALA A 33 -16.94 1.77 -9.48
C ALA A 33 -17.74 0.49 -9.77
N ARG A 34 -18.58 0.06 -8.83
CA ARG A 34 -19.36 -1.14 -9.08
C ARG A 34 -20.34 -0.95 -10.24
N ASP A 35 -20.92 0.25 -10.35
CA ASP A 35 -21.79 0.53 -11.51
C ASP A 35 -21.06 0.33 -12.83
N VAL A 36 -19.88 0.92 -12.97
CA VAL A 36 -19.25 0.99 -14.29
C VAL A 36 -18.47 -0.27 -14.65
N LEU A 37 -17.84 -0.94 -13.69
CA LEU A 37 -17.00 -2.03 -14.15
C LEU A 37 -17.79 -3.29 -14.46
N PRO A 38 -17.33 -4.05 -15.45
CA PRO A 38 -17.80 -5.42 -15.64
C PRO A 38 -17.67 -6.19 -14.34
N GLY A 39 -18.65 -7.05 -14.06
CA GLY A 39 -18.65 -7.78 -12.79
C GLY A 39 -17.37 -8.56 -12.54
N GLU A 40 -16.81 -9.18 -13.57
CA GLU A 40 -15.67 -10.04 -13.31
C GLU A 40 -14.43 -9.21 -13.03
N ILE A 41 -14.36 -7.99 -13.58
CA ILE A 41 -13.25 -7.09 -13.24
C ILE A 41 -13.46 -6.51 -11.84
N PHE A 42 -14.68 -6.13 -11.49
CA PHE A 42 -14.96 -5.73 -10.12
C PHE A 42 -14.57 -6.84 -9.14
N ASP A 43 -14.85 -8.10 -9.51
CA ASP A 43 -14.52 -9.21 -8.61
C ASP A 43 -13.01 -9.41 -8.50
N PHE A 44 -12.26 -9.29 -9.62
CA PHE A 44 -10.80 -9.34 -9.57
C PHE A 44 -10.27 -8.31 -8.58
N LEU A 45 -10.85 -7.10 -8.59
CA LEU A 45 -10.43 -6.01 -7.71
C LEU A 45 -10.84 -6.25 -6.27
N ALA A 46 -12.11 -6.59 -6.05
CA ALA A 46 -12.66 -6.69 -4.69
C ALA A 46 -12.26 -7.95 -3.97
N GLY A 47 -12.08 -9.06 -4.68
CA GLY A 47 -11.98 -10.37 -4.05
C GLY A 47 -10.74 -10.61 -3.22
N GLY A 48 -10.84 -11.70 -2.45
CA GLY A 48 -9.70 -12.22 -1.67
C GLY A 48 -9.55 -13.69 -1.98
N SER A 49 -8.62 -14.36 -1.26
CA SER A 49 -8.43 -15.78 -1.42
C SER A 49 -9.39 -16.57 -0.53
N GLY A 50 -9.60 -17.83 -0.90
CA GLY A 50 -10.38 -18.72 -0.04
C GLY A 50 -11.76 -18.21 0.31
N THR A 51 -12.08 -18.25 1.61
CA THR A 51 -13.37 -17.78 2.10
C THR A 51 -13.42 -16.27 2.33
N GLU A 52 -12.33 -15.56 2.00
CA GLU A 52 -12.21 -14.13 2.19
C GLU A 52 -12.23 -13.75 3.68
N ALA A 53 -11.81 -14.70 4.53
CA ALA A 53 -11.71 -14.39 5.95
C ALA A 53 -10.71 -13.27 6.24
N SER A 54 -9.56 -13.27 5.56
CA SER A 54 -8.58 -12.22 5.86
C SER A 54 -9.01 -10.88 5.27
N LEU A 55 -9.68 -10.93 4.12
CA LEU A 55 -10.22 -9.70 3.54
C LEU A 55 -11.17 -9.01 4.53
N VAL A 56 -12.11 -9.77 5.10
CA VAL A 56 -13.06 -9.21 6.05
C VAL A 56 -12.35 -8.78 7.32
N ALA A 57 -11.37 -9.60 7.78
CA ALA A 57 -10.70 -9.28 9.02
C ALA A 57 -9.89 -8.00 8.95
N ASN A 58 -9.39 -7.64 7.75
CA ASN A 58 -8.71 -6.35 7.65
C ASN A 58 -9.61 -5.20 8.07
N ARG A 59 -10.88 -5.27 7.67
CA ARG A 59 -11.84 -4.23 8.07
C ARG A 59 -12.25 -4.37 9.52
N THR A 60 -12.56 -5.60 9.97
N THR A 60 -12.55 -5.58 9.99
CA THR A 60 -12.95 -5.79 11.37
CA THR A 60 -12.99 -5.67 11.37
C THR A 60 -11.87 -5.27 12.29
C THR A 60 -11.88 -5.39 12.37
N ALA A 61 -10.61 -5.58 11.98
CA ALA A 61 -9.54 -5.20 12.88
C ALA A 61 -9.46 -3.68 13.02
N LEU A 62 -9.61 -2.93 11.94
CA LEU A 62 -9.58 -1.47 12.07
C LEU A 62 -10.76 -0.97 12.82
N GLU A 63 -11.93 -1.57 12.60
CA GLU A 63 -13.13 -1.10 13.27
C GLU A 63 -13.07 -1.28 14.78
N ARG A 64 -12.25 -2.23 15.26
CA ARG A 64 -12.13 -2.47 16.69
C ARG A 64 -11.19 -1.50 17.37
N VAL A 65 -10.38 -0.76 16.63
CA VAL A 65 -9.39 0.16 17.20
C VAL A 65 -10.07 1.50 17.46
N PHE A 66 -9.96 2.03 18.67
CA PHE A 66 -10.44 3.39 18.94
C PHE A 66 -9.27 4.24 19.35
N VAL A 67 -9.27 5.51 18.95
CA VAL A 67 -8.20 6.44 19.29
C VAL A 67 -8.54 7.19 20.56
N ILE A 68 -7.55 7.47 21.40
CA ILE A 68 -7.74 8.32 22.58
C ILE A 68 -7.17 9.68 22.17
N PRO A 69 -8.02 10.63 21.74
CA PRO A 69 -7.47 11.92 21.25
C PRO A 69 -6.97 12.80 22.39
N ARG A 70 -6.05 13.71 22.06
CA ARG A 70 -5.59 14.71 23.00
C ARG A 70 -6.24 16.04 22.67
N MET A 71 -6.40 16.85 23.69
CA MET A 71 -7.06 18.14 23.53
C MET A 71 -6.13 19.28 23.87
N LEU A 72 -6.52 20.47 23.41
CA LEU A 72 -5.92 21.72 23.89
C LEU A 72 -4.45 21.89 23.50
N ARG A 73 -4.04 21.23 22.40
CA ARG A 73 -2.70 21.40 21.83
C ARG A 73 -2.70 22.47 20.76
N ASP A 74 -1.52 23.02 20.52
CA ASP A 74 -1.36 24.04 19.49
C ASP A 74 -1.54 23.42 18.12
N LEU A 75 -2.49 23.91 17.38
CA LEU A 75 -2.79 23.44 16.03
C LEU A 75 -2.60 24.57 15.04
N THR A 76 -1.66 25.48 15.28
N THR A 76 -1.67 25.48 15.32
CA THR A 76 -1.57 26.63 14.37
CA THR A 76 -1.50 26.62 14.43
C THR A 76 -0.96 26.27 13.03
C THR A 76 -1.11 26.15 13.03
N ASP A 77 -0.18 25.19 12.95
CA ASP A 77 0.39 24.75 11.67
C ASP A 77 0.31 23.22 11.57
N VAL A 78 -0.91 22.68 11.55
CA VAL A 78 -1.05 21.24 11.36
C VAL A 78 -0.45 20.87 10.00
N THR A 79 0.41 19.86 10.00
CA THR A 79 0.99 19.36 8.76
C THR A 79 0.82 17.85 8.71
N THR A 80 0.38 17.36 7.56
CA THR A 80 0.26 15.91 7.33
C THR A 80 1.46 15.34 6.61
N GLU A 81 2.53 16.13 6.41
CA GLU A 81 3.69 15.68 5.65
C GLU A 81 4.56 14.72 6.45
N ILE A 82 5.27 13.86 5.72
CA ILE A 82 6.29 13.00 6.31
C ILE A 82 7.50 13.02 5.39
N ASP A 83 8.64 12.65 5.94
CA ASP A 83 9.80 12.32 5.14
C ASP A 83 9.96 10.81 5.14
N ILE A 84 10.06 10.23 3.96
CA ILE A 84 10.25 8.78 3.90
C ILE A 84 11.10 8.45 2.69
N PHE A 85 12.08 7.55 2.90
CA PHE A 85 12.98 7.08 1.82
C PHE A 85 13.57 8.26 1.06
N GLY A 86 13.91 9.32 1.82
CA GLY A 86 14.59 10.50 1.30
C GLY A 86 13.72 11.52 0.59
N ARG A 87 12.40 11.41 0.65
CA ARG A 87 11.53 12.36 -0.03
C ARG A 87 10.47 12.84 0.94
N ARG A 88 10.07 14.09 0.82
CA ARG A 88 8.90 14.60 1.52
C ARG A 88 7.68 14.05 0.80
N ALA A 89 6.72 13.53 1.56
CA ALA A 89 5.43 13.15 1.00
C ALA A 89 4.35 14.00 1.65
N ALA A 90 3.25 14.28 0.92
CA ALA A 90 2.24 15.22 1.41
C ALA A 90 1.36 14.64 2.50
N LEU A 91 1.29 13.32 2.59
CA LEU A 91 0.45 12.57 3.52
C LEU A 91 1.27 11.36 3.93
N PRO A 92 0.94 10.71 5.05
CA PRO A 92 1.60 9.44 5.41
C PRO A 92 0.94 8.28 4.67
N MET A 93 1.00 8.35 3.36
CA MET A 93 0.26 7.44 2.49
CA MET A 93 0.29 7.38 2.52
C MET A 93 0.95 7.31 1.16
N ALA A 94 0.91 6.11 0.58
CA ALA A 94 1.32 5.91 -0.81
C ALA A 94 0.28 5.04 -1.49
N VAL A 95 0.23 5.08 -2.83
CA VAL A 95 -0.65 4.19 -3.58
C VAL A 95 -0.02 2.81 -3.62
N ALA A 96 -0.80 1.80 -3.16
CA ALA A 96 -0.29 0.42 -3.14
C ALA A 96 -0.04 -0.06 -4.56
N PRO A 97 0.87 -1.01 -4.72
CA PRO A 97 1.03 -1.69 -6.01
C PRO A 97 -0.20 -2.54 -6.33
N VAL A 98 -0.89 -2.21 -7.43
CA VAL A 98 -2.03 -2.98 -7.91
C VAL A 98 -1.78 -3.32 -9.36
N ALA A 99 -1.72 -4.60 -9.70
CA ALA A 99 -1.40 -4.99 -11.08
C ALA A 99 -2.48 -4.56 -12.07
N TYR A 100 -2.04 -4.30 -13.33
CA TYR A 100 -2.97 -4.30 -14.51
C TYR A 100 -4.04 -3.21 -14.43
N GLN A 101 -3.60 -1.96 -14.20
CA GLN A 101 -4.60 -0.92 -13.93
C GLN A 101 -5.42 -0.51 -15.16
N ARG A 102 -4.97 -0.93 -16.37
CA ARG A 102 -5.83 -0.70 -17.53
C ARG A 102 -7.08 -1.56 -17.49
N LEU A 103 -7.15 -2.54 -16.59
CA LEU A 103 -8.42 -3.22 -16.39
C LEU A 103 -9.51 -2.26 -15.96
N PHE A 104 -9.17 -1.17 -15.27
CA PHE A 104 -10.14 -0.32 -14.61
C PHE A 104 -10.49 0.96 -15.36
N HIS A 105 -9.61 1.39 -16.23
CA HIS A 105 -9.74 2.64 -16.98
C HIS A 105 -8.74 2.59 -18.11
N PRO A 106 -9.05 3.16 -19.29
CA PRO A 106 -8.07 3.07 -20.40
C PRO A 106 -6.74 3.75 -20.17
N GLU A 107 -6.66 4.79 -19.32
CA GLU A 107 -5.39 5.43 -19.04
C GLU A 107 -4.60 4.68 -17.96
N GLY A 108 -5.26 3.73 -17.29
CA GLY A 108 -4.58 2.86 -16.31
C GLY A 108 -3.61 3.58 -15.41
N GLU A 109 -2.39 3.02 -15.36
CA GLU A 109 -1.36 3.51 -14.46
C GLU A 109 -1.02 4.96 -14.69
N LEU A 110 -1.14 5.46 -15.95
CA LEU A 110 -0.72 6.84 -16.13
C LEU A 110 -1.66 7.81 -15.44
N ALA A 111 -2.97 7.51 -15.46
CA ALA A 111 -3.97 8.34 -14.75
C ALA A 111 -3.69 8.35 -13.26
N VAL A 112 -3.40 7.16 -12.71
CA VAL A 112 -3.17 7.13 -11.27
C VAL A 112 -1.88 7.85 -10.91
N ALA A 113 -0.82 7.60 -11.65
CA ALA A 113 0.46 8.20 -11.33
C ALA A 113 0.42 9.73 -11.45
N ARG A 114 -0.30 10.26 -12.46
CA ARG A 114 -0.44 11.70 -12.58
C ARG A 114 -1.15 12.30 -11.38
N ALA A 115 -2.26 11.67 -10.94
CA ALA A 115 -2.99 12.17 -9.77
C ALA A 115 -2.13 12.08 -8.51
N ALA A 116 -1.40 10.97 -8.35
CA ALA A 116 -0.53 10.84 -7.18
C ALA A 116 0.56 11.90 -7.17
N ARG A 117 1.22 12.11 -8.33
CA ARG A 117 2.20 13.17 -8.44
C ARG A 117 1.62 14.51 -8.03
N ASP A 118 0.43 14.82 -8.54
CA ASP A 118 -0.11 16.15 -8.28
C ASP A 118 -0.50 16.32 -6.82
N ALA A 119 -0.86 15.20 -6.15
CA ALA A 119 -1.20 15.21 -4.72
C ALA A 119 0.03 15.10 -3.84
N GLY A 120 1.21 14.85 -4.37
CA GLY A 120 2.38 14.73 -3.54
C GLY A 120 2.45 13.40 -2.80
N VAL A 121 1.84 12.37 -3.35
CA VAL A 121 1.72 11.03 -2.75
CA VAL A 121 1.97 11.11 -2.65
C VAL A 121 2.62 10.10 -3.57
N PRO A 122 3.46 9.26 -2.99
CA PRO A 122 4.20 8.28 -3.78
C PRO A 122 3.26 7.29 -4.45
N TYR A 123 3.62 6.90 -5.68
CA TYR A 123 2.92 5.88 -6.44
C TYR A 123 3.81 4.68 -6.64
N THR A 124 3.32 3.49 -6.38
CA THR A 124 4.12 2.27 -6.53
C THR A 124 3.86 1.68 -7.92
N ILE A 125 4.88 1.71 -8.78
CA ILE A 125 4.82 1.07 -10.10
C ILE A 125 4.97 -0.42 -9.94
N CYS A 126 4.06 -1.18 -10.53
CA CYS A 126 4.06 -2.65 -10.39
C CYS A 126 4.93 -3.35 -11.42
N THR A 127 5.52 -4.47 -11.00
CA THR A 127 6.12 -5.42 -11.96
C THR A 127 5.10 -5.81 -13.02
N LEU A 128 3.85 -6.06 -12.65
CA LEU A 128 2.78 -6.41 -13.59
C LEU A 128 1.97 -5.19 -14.02
N SER A 129 2.66 -4.07 -14.26
CA SER A 129 1.92 -2.89 -14.75
C SER A 129 1.51 -3.10 -16.21
N SER A 130 0.38 -2.50 -16.55
CA SER A 130 -0.13 -2.60 -17.94
C SER A 130 0.35 -1.47 -18.84
N VAL A 131 1.16 -0.58 -18.31
CA VAL A 131 1.96 0.42 -19.03
C VAL A 131 3.40 0.25 -18.53
N SER A 132 4.40 0.39 -19.40
CA SER A 132 5.75 0.13 -18.98
C SER A 132 6.22 1.05 -17.85
N LEU A 133 7.12 0.52 -17.02
CA LEU A 133 7.56 1.28 -15.87
C LEU A 133 8.26 2.57 -16.28
N GLU A 134 8.90 2.59 -17.48
CA GLU A 134 9.58 3.83 -17.89
C GLU A 134 8.56 4.90 -18.26
N GLU A 135 7.47 4.51 -18.94
CA GLU A 135 6.40 5.48 -19.22
C GLU A 135 5.80 6.02 -17.92
N ILE A 136 5.51 5.14 -16.96
CA ILE A 136 4.90 5.65 -15.75
C ILE A 136 5.89 6.53 -15.00
N ALA A 137 7.17 6.15 -14.94
CA ALA A 137 8.16 6.96 -14.25
C ALA A 137 8.30 8.35 -14.89
N ALA A 138 8.11 8.42 -16.21
CA ALA A 138 8.23 9.71 -16.91
C ALA A 138 7.16 10.70 -16.49
N VAL A 139 6.04 10.24 -15.92
CA VAL A 139 5.04 11.13 -15.35
C VAL A 139 5.67 12.04 -14.30
N GLY A 140 6.72 11.56 -13.62
CA GLY A 140 7.33 12.33 -12.55
C GLY A 140 6.81 11.90 -11.19
N GLY A 141 6.87 12.82 -10.24
CA GLY A 141 6.37 12.46 -8.91
C GLY A 141 7.25 11.55 -8.09
N ARG A 142 8.51 11.43 -8.37
CA ARG A 142 9.31 10.42 -7.61
C ARG A 142 8.62 9.08 -7.17
N PRO A 143 8.37 8.18 -8.11
CA PRO A 143 7.68 6.90 -7.87
C PRO A 143 8.54 5.81 -7.21
N TRP A 144 7.84 4.79 -6.69
CA TRP A 144 8.51 3.58 -6.19
C TRP A 144 8.27 2.47 -7.16
N PHE A 145 9.03 1.36 -7.04
CA PHE A 145 8.85 0.23 -7.94
C PHE A 145 8.67 -1.06 -7.12
N GLN A 146 7.60 -1.79 -7.41
CA GLN A 146 7.32 -3.05 -6.72
C GLN A 146 7.87 -4.20 -7.55
N LEU A 147 8.68 -5.03 -6.92
CA LEU A 147 9.33 -6.17 -7.56
C LEU A 147 8.66 -7.48 -7.19
N PHE A 148 8.38 -8.35 -8.18
CA PHE A 148 8.19 -9.78 -7.95
C PHE A 148 9.46 -10.49 -8.38
N TRP A 149 9.87 -11.46 -7.58
CA TRP A 149 10.95 -12.35 -7.98
C TRP A 149 10.49 -13.32 -9.07
N LEU A 150 11.33 -13.47 -10.05
CA LEU A 150 10.99 -14.27 -11.21
C LEU A 150 11.86 -15.52 -11.24
N ARG A 151 11.29 -16.59 -11.84
CA ARG A 151 12.03 -17.81 -12.11
C ARG A 151 13.39 -17.50 -12.72
N ASP A 152 13.39 -16.65 -13.74
CA ASP A 152 14.65 -16.12 -14.24
C ASP A 152 15.08 -15.01 -13.30
N GLU A 153 16.04 -15.30 -12.42
CA GLU A 153 16.55 -14.28 -11.49
C GLU A 153 17.04 -13.04 -12.22
N LYS A 154 17.79 -13.22 -13.31
CA LYS A 154 18.42 -12.10 -13.97
C LYS A 154 17.39 -11.10 -14.46
N ARG A 155 16.20 -11.57 -14.85
CA ARG A 155 15.15 -10.64 -15.21
C ARG A 155 14.71 -9.81 -14.01
N SER A 156 14.71 -10.40 -12.79
CA SER A 156 14.36 -9.62 -11.61
CA SER A 156 14.34 -9.61 -11.63
C SER A 156 15.37 -8.53 -11.35
N LEU A 157 16.66 -8.84 -11.41
CA LEU A 157 17.64 -7.82 -11.15
C LEU A 157 17.67 -6.78 -12.27
N ASP A 158 17.31 -7.18 -13.50
CA ASP A 158 17.18 -6.23 -14.59
C ASP A 158 15.99 -5.29 -14.38
N LEU A 159 14.86 -5.78 -13.85
CA LEU A 159 13.76 -4.88 -13.54
C LEU A 159 14.23 -3.88 -12.51
N VAL A 160 14.99 -4.35 -11.51
CA VAL A 160 15.44 -3.44 -10.48
C VAL A 160 16.27 -2.33 -11.11
N ARG A 161 17.22 -2.71 -11.97
CA ARG A 161 18.10 -1.68 -12.57
C ARG A 161 17.33 -0.77 -13.51
N ARG A 162 16.38 -1.32 -14.28
CA ARG A 162 15.48 -0.48 -15.07
C ARG A 162 14.76 0.52 -14.19
N ALA A 163 14.22 0.05 -13.06
CA ALA A 163 13.48 0.95 -12.22
C ALA A 163 14.37 2.07 -11.72
N GLU A 164 15.56 1.71 -11.25
CA GLU A 164 16.50 2.70 -10.75
C GLU A 164 16.91 3.68 -11.87
N ASP A 165 17.20 3.14 -13.05
CA ASP A 165 17.58 4.01 -14.19
C ASP A 165 16.48 4.99 -14.54
N ALA A 166 15.21 4.59 -14.38
CA ALA A 166 14.06 5.46 -14.70
C ALA A 166 13.72 6.45 -13.59
N GLY A 167 14.41 6.44 -12.46
CA GLY A 167 14.17 7.40 -11.40
C GLY A 167 13.28 6.92 -10.27
N CYS A 168 13.02 5.60 -10.19
CA CYS A 168 12.25 5.15 -9.01
C CYS A 168 13.12 5.29 -7.78
N GLU A 169 12.46 5.54 -6.63
CA GLU A 169 13.18 5.93 -5.44
C GLU A 169 13.20 4.87 -4.36
N ALA A 170 12.49 3.76 -4.57
CA ALA A 170 12.53 2.68 -3.58
C ALA A 170 12.13 1.43 -4.30
N ILE A 171 12.63 0.27 -3.85
CA ILE A 171 12.24 -1.00 -4.39
C ILE A 171 11.34 -1.67 -3.36
N VAL A 172 10.08 -1.84 -3.68
CA VAL A 172 9.11 -2.52 -2.80
C VAL A 172 9.09 -3.97 -3.23
N PHE A 173 9.84 -4.82 -2.49
CA PHE A 173 9.98 -6.23 -2.86
C PHE A 173 8.81 -6.98 -2.23
N THR A 174 7.88 -7.47 -3.01
CA THR A 174 6.73 -8.19 -2.46
C THR A 174 7.19 -9.61 -2.15
N VAL A 175 7.07 -10.00 -0.86
CA VAL A 175 7.66 -11.25 -0.41
C VAL A 175 6.60 -12.27 -0.02
N ASP A 176 5.32 -11.97 -0.25
CA ASP A 176 4.24 -12.89 0.18
C ASP A 176 3.59 -13.62 -0.96
N VAL A 177 4.25 -13.62 -2.14
CA VAL A 177 3.68 -14.25 -3.33
C VAL A 177 4.71 -15.24 -3.87
N PRO A 178 4.98 -16.35 -3.17
CA PRO A 178 5.74 -17.42 -3.86
C PRO A 178 4.98 -17.92 -5.06
N TRP A 179 3.66 -17.84 -4.99
CA TRP A 179 2.71 -18.00 -6.08
C TRP A 179 1.47 -17.24 -5.68
N MET A 180 0.57 -17.01 -6.63
CA MET A 180 -0.68 -16.33 -6.35
C MET A 180 -1.63 -17.21 -5.53
N GLY A 181 -2.32 -16.60 -4.56
CA GLY A 181 -3.35 -17.27 -3.81
C GLY A 181 -4.52 -17.74 -4.67
N ARG A 182 -5.41 -18.50 -4.03
N ARG A 182 -5.39 -18.53 -4.05
CA ARG A 182 -6.58 -19.10 -4.69
CA ARG A 182 -6.55 -19.10 -4.74
C ARG A 182 -7.76 -18.13 -4.62
C ARG A 182 -7.72 -18.14 -4.64
N ARG A 183 -7.95 -17.37 -5.70
CA ARG A 183 -9.00 -16.36 -5.76
CA ARG A 183 -9.01 -16.36 -5.70
C ARG A 183 -10.27 -17.00 -6.31
N LEU A 184 -11.17 -17.42 -5.43
CA LEU A 184 -12.32 -18.22 -5.88
C LEU A 184 -13.28 -17.43 -6.76
N ARG A 185 -13.41 -16.12 -6.55
CA ARG A 185 -14.24 -15.35 -7.48
C ARG A 185 -13.67 -15.46 -8.89
N ASP A 186 -12.35 -15.33 -9.04
CA ASP A 186 -11.74 -15.39 -10.37
C ASP A 186 -11.93 -16.77 -10.96
N MET A 187 -11.78 -17.82 -10.15
CA MET A 187 -12.01 -19.19 -10.64
C MET A 187 -13.46 -19.39 -11.07
N ARG A 188 -14.39 -18.91 -10.26
CA ARG A 188 -15.79 -19.08 -10.59
C ARG A 188 -16.17 -18.27 -11.82
N ASN A 189 -15.56 -17.10 -11.99
CA ASN A 189 -15.82 -16.28 -13.18
C ASN A 189 -15.07 -16.75 -14.42
N GLY A 190 -14.12 -17.67 -14.27
CA GLY A 190 -13.15 -17.97 -15.32
C GLY A 190 -12.46 -16.72 -15.81
N PHE A 191 -12.00 -15.89 -14.88
CA PHE A 191 -11.45 -14.59 -15.24
C PHE A 191 -10.10 -14.72 -15.95
N ALA A 192 -9.92 -13.99 -17.03
CA ALA A 192 -8.62 -13.86 -17.66
C ALA A 192 -8.46 -12.42 -18.13
N LEU A 193 -7.21 -12.01 -18.32
CA LEU A 193 -6.97 -10.67 -18.83
C LEU A 193 -7.60 -10.53 -20.21
N PRO A 194 -8.32 -9.44 -20.46
CA PRO A 194 -8.69 -9.12 -21.84
C PRO A 194 -7.46 -9.05 -22.73
N GLU A 195 -7.68 -9.25 -24.02
CA GLU A 195 -6.55 -9.23 -24.95
C GLU A 195 -5.85 -7.89 -24.93
N TRP A 196 -6.55 -6.81 -24.60
CA TRP A 196 -6.01 -5.46 -24.64
CA TRP A 196 -5.95 -5.48 -24.66
C TRP A 196 -5.21 -5.10 -23.39
N VAL A 197 -5.08 -6.00 -22.41
CA VAL A 197 -4.32 -5.74 -21.18
C VAL A 197 -3.16 -6.71 -21.14
N THR A 198 -1.93 -6.20 -21.07
CA THR A 198 -0.76 -7.04 -20.97
C THR A 198 0.16 -6.55 -19.85
N ALA A 199 1.07 -7.44 -19.46
CA ALA A 199 2.21 -7.11 -18.59
C ALA A 199 3.26 -6.38 -19.42
N ALA A 200 3.16 -5.04 -19.42
CA ALA A 200 3.94 -4.22 -20.34
C ALA A 200 5.44 -4.18 -20.06
N ASN A 201 5.89 -4.62 -18.88
CA ASN A 201 7.31 -4.64 -18.61
C ASN A 201 8.02 -5.82 -19.25
N PHE A 202 7.27 -6.74 -19.85
CA PHE A 202 7.82 -8.00 -20.43
C PHE A 202 7.68 -8.02 -21.94
N GLU A 225 5.74 -18.11 -14.01
CA GLU A 225 6.65 -16.99 -14.10
C GLU A 225 7.25 -16.62 -12.72
N PHE A 226 6.45 -16.71 -11.66
CA PHE A 226 6.93 -16.46 -10.29
C PHE A 226 7.96 -17.51 -9.88
N ALA A 227 9.00 -17.07 -9.17
CA ALA A 227 9.73 -17.99 -8.32
C ALA A 227 9.60 -17.53 -6.87
N PRO A 228 9.56 -18.46 -5.92
CA PRO A 228 9.58 -18.03 -4.52
C PRO A 228 10.83 -17.21 -4.24
N ALA A 229 10.65 -16.04 -3.64
CA ALA A 229 11.77 -15.27 -3.12
C ALA A 229 12.25 -15.85 -1.78
N THR A 230 13.54 -15.70 -1.51
CA THR A 230 14.10 -16.08 -0.22
C THR A 230 14.94 -14.92 0.33
N TRP A 231 15.47 -15.07 1.54
CA TRP A 231 16.36 -14.07 2.07
C TRP A 231 17.60 -13.87 1.21
N GLU A 232 18.01 -14.93 0.47
CA GLU A 232 19.09 -14.77 -0.48
CA GLU A 232 19.09 -14.80 -0.49
C GLU A 232 18.71 -13.81 -1.59
N SER A 233 17.44 -13.86 -2.02
CA SER A 233 16.97 -12.94 -3.08
C SER A 233 17.01 -11.52 -2.57
N VAL A 234 16.59 -11.31 -1.32
CA VAL A 234 16.66 -9.98 -0.71
C VAL A 234 18.09 -9.44 -0.74
N GLU A 235 19.06 -10.28 -0.38
CA GLU A 235 20.44 -9.81 -0.38
C GLU A 235 20.92 -9.50 -1.79
N ALA A 236 20.47 -10.28 -2.78
CA ALA A 236 20.88 -10.02 -4.15
C ALA A 236 20.33 -8.67 -4.59
N VAL A 237 19.11 -8.34 -4.16
CA VAL A 237 18.57 -7.06 -4.56
C VAL A 237 19.30 -5.95 -3.85
N ARG A 238 19.54 -6.11 -2.54
CA ARG A 238 20.23 -5.08 -1.74
C ARG A 238 21.60 -4.78 -2.31
N ALA A 239 22.27 -5.79 -2.85
CA ALA A 239 23.60 -5.60 -3.44
C ALA A 239 23.56 -4.97 -4.82
N HIS A 240 22.42 -5.04 -5.50
CA HIS A 240 22.26 -4.56 -6.86
C HIS A 240 21.85 -3.11 -6.93
N THR A 241 21.42 -2.51 -5.83
CA THR A 241 20.89 -1.15 -5.86
C THR A 241 21.29 -0.44 -4.59
N ASP A 242 21.46 0.88 -4.70
CA ASP A 242 21.58 1.72 -3.53
C ASP A 242 20.22 2.27 -3.07
N LEU A 243 19.15 1.99 -3.82
CA LEU A 243 17.83 2.43 -3.37
C LEU A 243 17.42 1.67 -2.12
N PRO A 244 16.58 2.27 -1.28
CA PRO A 244 16.05 1.51 -0.13
C PRO A 244 15.20 0.37 -0.60
N VAL A 245 15.37 -0.78 0.06
CA VAL A 245 14.59 -1.97 -0.24
C VAL A 245 13.55 -2.13 0.87
N VAL A 246 12.31 -2.27 0.47
CA VAL A 246 11.17 -2.32 1.38
C VAL A 246 10.52 -3.66 1.21
N LEU A 247 10.42 -4.48 2.28
CA LEU A 247 9.85 -5.80 2.12
C LEU A 247 8.36 -5.76 2.43
N LYS A 248 7.51 -6.08 1.43
CA LYS A 248 6.07 -5.94 1.57
C LYS A 248 5.46 -7.32 1.77
N GLY A 249 4.67 -7.49 2.82
CA GLY A 249 4.02 -8.76 3.10
C GLY A 249 4.56 -9.41 4.37
N ILE A 250 5.23 -8.67 5.23
CA ILE A 250 5.75 -9.21 6.50
C ILE A 250 4.63 -9.19 7.54
N LEU A 251 4.46 -10.33 8.26
CA LEU A 251 3.49 -10.35 9.37
C LEU A 251 4.14 -10.90 10.65
N ALA A 252 5.16 -11.75 10.54
CA ALA A 252 5.74 -12.30 11.77
C ALA A 252 6.75 -11.31 12.36
N VAL A 253 6.75 -11.18 13.71
CA VAL A 253 7.69 -10.29 14.36
C VAL A 253 9.12 -10.63 14.01
N GLU A 254 9.46 -11.94 14.02
CA GLU A 254 10.87 -12.20 13.74
CA GLU A 254 10.81 -12.38 13.71
C GLU A 254 11.24 -12.00 12.27
N ASP A 255 10.27 -12.02 11.35
CA ASP A 255 10.59 -11.64 9.99
C ASP A 255 10.82 -10.13 9.89
N ALA A 256 10.13 -9.35 10.71
CA ALA A 256 10.39 -7.90 10.71
C ALA A 256 11.78 -7.64 11.26
N ARG A 257 12.14 -8.33 12.35
N ARG A 257 12.12 -8.33 12.35
CA ARG A 257 13.51 -8.18 12.86
CA ARG A 257 13.46 -8.17 12.90
C ARG A 257 14.52 -8.58 11.83
C ARG A 257 14.53 -8.61 11.91
N ARG A 258 14.32 -9.74 11.20
CA ARG A 258 15.27 -10.18 10.22
C ARG A 258 15.35 -9.21 9.05
N ALA A 259 14.22 -8.59 8.67
CA ALA A 259 14.28 -7.58 7.60
C ALA A 259 15.23 -6.46 7.96
N VAL A 260 15.20 -5.98 9.21
CA VAL A 260 16.12 -4.93 9.61
C VAL A 260 17.56 -5.42 9.52
N ASP A 261 17.79 -6.64 10.05
CA ASP A 261 19.14 -7.22 10.00
C ASP A 261 19.63 -7.40 8.59
N ALA A 262 18.73 -7.66 7.63
CA ALA A 262 19.04 -7.84 6.22
C ALA A 262 19.29 -6.53 5.48
N GLY A 263 19.10 -5.40 6.14
CA GLY A 263 19.39 -4.12 5.56
C GLY A 263 18.20 -3.49 4.85
N ALA A 264 17.02 -4.03 5.08
CA ALA A 264 15.84 -3.34 4.54
C ALA A 264 15.69 -1.94 5.09
N GLY A 265 15.26 -1.02 4.21
CA GLY A 265 14.94 0.33 4.65
C GLY A 265 13.52 0.49 5.18
N GLY A 266 12.69 -0.50 4.86
CA GLY A 266 11.33 -0.46 5.36
C GLY A 266 10.71 -1.83 5.18
N ILE A 267 9.53 -2.00 5.83
CA ILE A 267 8.69 -3.17 5.60
C ILE A 267 7.26 -2.65 5.45
N VAL A 268 6.44 -3.42 4.75
CA VAL A 268 4.99 -3.21 4.76
C VAL A 268 4.36 -4.39 5.44
N VAL A 269 3.79 -4.14 6.58
CA VAL A 269 3.07 -5.13 7.36
C VAL A 269 1.72 -5.33 6.69
N SER A 270 1.46 -6.53 6.17
CA SER A 270 0.44 -6.69 5.15
C SER A 270 0.09 -8.15 4.99
N ASN A 271 -1.21 -8.45 4.75
CA ASN A 271 -1.60 -9.78 4.29
C ASN A 271 -2.06 -9.72 2.84
N HIS A 272 -1.55 -8.72 2.10
CA HIS A 272 -1.81 -8.60 0.65
C HIS A 272 -3.32 -8.38 0.42
N GLY A 273 -3.96 -7.58 1.29
CA GLY A 273 -5.38 -7.30 1.10
C GLY A 273 -6.25 -8.52 1.14
N GLY A 274 -5.82 -9.53 1.90
CA GLY A 274 -6.56 -10.77 2.00
C GLY A 274 -6.57 -11.63 0.75
N ARG A 275 -5.63 -11.43 -0.14
CA ARG A 275 -5.60 -12.11 -1.43
C ARG A 275 -4.60 -13.26 -1.49
N GLN A 276 -3.81 -13.46 -0.42
CA GLN A 276 -2.78 -14.50 -0.45
C GLN A 276 -3.19 -15.63 0.49
N LEU A 277 -2.59 -15.74 1.69
CA LEU A 277 -3.06 -16.80 2.60
C LEU A 277 -4.39 -16.43 3.22
N ASP A 278 -5.44 -17.24 3.00
CA ASP A 278 -6.72 -17.00 3.64
C ASP A 278 -6.62 -17.50 5.06
N GLY A 279 -6.87 -16.63 6.04
CA GLY A 279 -6.59 -16.94 7.43
C GLY A 279 -5.34 -16.28 7.93
N ALA A 280 -4.58 -15.56 7.08
CA ALA A 280 -3.48 -14.75 7.58
C ALA A 280 -4.00 -13.59 8.41
N VAL A 281 -3.33 -13.37 9.54
CA VAL A 281 -3.67 -12.26 10.44
C VAL A 281 -3.63 -10.92 9.69
N PRO A 282 -4.52 -9.98 9.99
CA PRO A 282 -4.36 -8.62 9.43
C PRO A 282 -3.07 -7.97 9.86
N GLY A 283 -2.48 -7.19 8.96
CA GLY A 283 -1.29 -6.44 9.33
C GLY A 283 -1.52 -5.52 10.52
N ILE A 284 -2.68 -4.87 10.55
CA ILE A 284 -2.98 -3.93 11.63
CA ILE A 284 -2.99 -3.93 11.63
C ILE A 284 -2.93 -4.60 12.99
N GLU A 285 -3.20 -5.92 13.06
CA GLU A 285 -3.13 -6.65 14.34
CA GLU A 285 -3.14 -6.63 14.34
C GLU A 285 -1.71 -6.99 14.74
N MET A 286 -0.77 -7.02 13.80
CA MET A 286 0.64 -7.25 14.12
C MET A 286 1.47 -5.98 14.26
N LEU A 287 0.91 -4.84 13.80
CA LEU A 287 1.71 -3.64 13.63
C LEU A 287 2.35 -3.17 14.91
N GLY A 288 1.59 -3.12 16.03
CA GLY A 288 2.19 -2.56 17.24
C GLY A 288 3.35 -3.41 17.74
N GLU A 289 3.19 -4.74 17.69
CA GLU A 289 4.26 -5.61 18.13
CA GLU A 289 4.25 -5.65 18.11
C GLU A 289 5.48 -5.48 17.22
N ILE A 290 5.26 -5.33 15.92
CA ILE A 290 6.35 -5.19 14.99
C ILE A 290 7.07 -3.87 15.17
N VAL A 291 6.31 -2.77 15.36
CA VAL A 291 6.97 -1.48 15.60
C VAL A 291 7.84 -1.52 16.84
N ALA A 292 7.36 -2.19 17.91
CA ALA A 292 8.22 -2.29 19.09
C ALA A 292 9.48 -3.12 18.82
N ALA A 293 9.35 -4.22 18.08
CA ALA A 293 10.52 -5.08 17.85
C ALA A 293 11.56 -4.44 16.96
N VAL A 294 11.16 -3.65 15.96
N VAL A 294 11.12 -3.60 16.02
CA VAL A 294 12.22 -3.09 15.14
CA VAL A 294 11.99 -2.98 15.03
C VAL A 294 12.79 -1.85 15.77
C VAL A 294 12.85 -1.87 15.64
N SER A 295 12.04 -1.20 16.66
N SER A 295 12.39 -1.26 16.74
CA SER A 295 12.57 -0.10 17.48
CA SER A 295 13.12 -0.20 17.47
C SER A 295 13.39 0.89 16.66
C SER A 295 13.62 0.94 16.55
N GLY A 296 12.75 1.38 15.63
CA GLY A 296 13.21 2.44 14.73
C GLY A 296 14.23 2.02 13.70
N GLY A 297 14.54 0.72 13.58
CA GLY A 297 15.57 0.27 12.65
C GLY A 297 15.18 0.33 11.18
N CYS A 298 13.91 0.46 10.86
CA CYS A 298 13.45 0.71 9.48
C CYS A 298 12.07 1.35 9.57
N GLU A 299 11.61 1.88 8.42
CA GLU A 299 10.24 2.38 8.35
C GLU A 299 9.27 1.20 8.40
N VAL A 300 8.14 1.36 9.10
CA VAL A 300 7.16 0.29 9.18
C VAL A 300 5.86 0.84 8.63
N LEU A 301 5.50 0.38 7.44
CA LEU A 301 4.24 0.75 6.82
C LEU A 301 3.22 -0.36 7.04
N VAL A 302 1.95 -0.07 6.84
CA VAL A 302 0.91 -1.08 6.96
C VAL A 302 -0.07 -0.86 5.83
N ASP A 303 -0.73 -1.93 5.40
CA ASP A 303 -1.86 -1.77 4.49
C ASP A 303 -2.94 -2.79 4.82
N GLY A 304 -4.03 -2.69 4.09
CA GLY A 304 -5.15 -3.61 4.23
C GLY A 304 -6.34 -2.91 4.86
N GLY A 305 -7.33 -2.53 4.05
CA GLY A 305 -8.55 -1.99 4.61
C GLY A 305 -8.55 -0.52 4.96
N ILE A 306 -7.52 0.26 4.62
CA ILE A 306 -7.54 1.69 4.95
C ILE A 306 -8.61 2.35 4.07
N ARG A 307 -9.61 2.97 4.71
CA ARG A 307 -10.75 3.48 3.93
C ARG A 307 -11.13 4.89 4.35
N SER A 308 -10.32 5.55 5.15
CA SER A 308 -10.58 6.92 5.55
C SER A 308 -9.33 7.52 6.16
N GLY A 309 -9.36 8.84 6.32
CA GLY A 309 -8.36 9.52 7.12
C GLY A 309 -8.34 9.05 8.57
N GLY A 310 -9.50 8.73 9.14
CA GLY A 310 -9.50 8.18 10.47
C GLY A 310 -8.77 6.87 10.56
N ASP A 311 -8.88 6.03 9.51
CA ASP A 311 -8.12 4.77 9.49
C ASP A 311 -6.63 5.06 9.40
N VAL A 312 -6.23 6.08 8.62
CA VAL A 312 -4.81 6.47 8.59
C VAL A 312 -4.35 6.85 9.99
N LEU A 313 -5.18 7.65 10.68
CA LEU A 313 -4.86 8.02 12.05
C LEU A 313 -4.69 6.79 12.93
N LYS A 314 -5.61 5.82 12.82
CA LYS A 314 -5.46 4.63 13.67
C LYS A 314 -4.14 3.93 13.40
N ALA A 315 -3.82 3.76 12.10
CA ALA A 315 -2.55 3.08 11.75
C ALA A 315 -1.38 3.84 12.31
N THR A 316 -1.37 5.19 12.19
CA THR A 316 -0.29 5.98 12.73
CA THR A 316 -0.22 5.90 12.74
C THR A 316 -0.19 5.80 14.25
N ALA A 317 -1.37 5.85 14.93
CA ALA A 317 -1.35 5.72 16.40
C ALA A 317 -0.83 4.36 16.83
N LEU A 318 -1.02 3.33 16.00
CA LEU A 318 -0.44 2.02 16.29
C LEU A 318 1.02 1.95 15.92
N GLY A 319 1.58 2.99 15.32
CA GLY A 319 3.03 3.12 15.13
C GLY A 319 3.48 3.11 13.69
N ALA A 320 2.56 3.03 12.71
CA ALA A 320 2.99 3.04 11.30
C ALA A 320 3.64 4.36 10.91
N SER A 321 4.66 4.24 10.05
CA SER A 321 5.28 5.39 9.40
C SER A 321 4.33 5.96 8.37
N ALA A 322 3.58 5.09 7.70
CA ALA A 322 2.72 5.46 6.59
C ALA A 322 1.89 4.24 6.25
N VAL A 323 0.84 4.46 5.46
CA VAL A 323 0.00 3.37 4.98
C VAL A 323 0.10 3.24 3.47
N LEU A 324 -0.27 2.09 2.95
CA LEU A 324 -0.62 1.98 1.53
C LEU A 324 -2.12 1.85 1.40
N VAL A 325 -2.65 2.38 0.28
CA VAL A 325 -4.08 2.28 -0.04
C VAL A 325 -4.20 1.65 -1.43
N GLY A 326 -4.95 0.54 -1.52
CA GLY A 326 -5.07 -0.17 -2.79
C GLY A 326 -6.44 -0.03 -3.44
N ARG A 327 -7.39 -0.85 -3.06
CA ARG A 327 -8.70 -0.86 -3.76
C ARG A 327 -9.33 0.52 -3.91
N PRO A 328 -9.35 1.43 -2.92
CA PRO A 328 -10.05 2.71 -3.11
C PRO A 328 -9.47 3.50 -4.24
N VAL A 329 -8.17 3.40 -4.47
CA VAL A 329 -7.57 4.16 -5.57
C VAL A 329 -8.10 3.63 -6.89
N MET A 330 -8.27 2.31 -7.00
CA MET A 330 -8.81 1.72 -8.23
C MET A 330 -10.28 2.03 -8.39
N TRP A 331 -11.05 2.11 -7.28
CA TRP A 331 -12.45 2.56 -7.40
C TRP A 331 -12.50 3.93 -8.04
N ALA A 332 -11.66 4.84 -7.58
CA ALA A 332 -11.67 6.22 -8.08
C ALA A 332 -11.25 6.24 -9.55
N LEU A 333 -10.24 5.46 -9.90
CA LEU A 333 -9.80 5.35 -11.30
C LEU A 333 -10.93 4.81 -12.18
N ALA A 334 -11.59 3.74 -11.75
CA ALA A 334 -12.73 3.19 -12.51
C ALA A 334 -13.81 4.23 -12.67
N ALA A 335 -14.12 4.96 -11.60
CA ALA A 335 -15.27 5.86 -11.58
C ALA A 335 -15.04 7.07 -12.49
N ALA A 336 -13.82 7.57 -12.54
CA ALA A 336 -13.64 8.90 -13.14
C ALA A 336 -12.20 9.16 -13.57
N GLY A 337 -11.40 8.13 -13.79
CA GLY A 337 -10.08 8.33 -14.33
C GLY A 337 -9.14 9.16 -13.45
N GLN A 338 -8.23 9.90 -14.08
CA GLN A 338 -7.32 10.75 -13.33
C GLN A 338 -8.05 11.70 -12.38
N ASP A 339 -9.12 12.35 -12.84
CA ASP A 339 -9.82 13.27 -11.96
CA ASP A 339 -9.82 13.28 -11.96
C ASP A 339 -10.42 12.55 -10.76
N GLY A 340 -10.88 11.31 -10.96
CA GLY A 340 -11.41 10.54 -9.86
C GLY A 340 -10.36 10.28 -8.81
N VAL A 341 -9.17 9.89 -9.26
CA VAL A 341 -8.08 9.66 -8.30
C VAL A 341 -7.70 10.94 -7.61
N ARG A 342 -7.63 12.07 -8.35
CA ARG A 342 -7.39 13.35 -7.72
C ARG A 342 -8.43 13.64 -6.63
N GLN A 343 -9.71 13.41 -6.91
CA GLN A 343 -10.74 13.69 -5.92
C GLN A 343 -10.59 12.80 -4.68
N LEU A 344 -10.27 11.53 -4.91
CA LEU A 344 -10.05 10.62 -3.78
C LEU A 344 -8.90 11.11 -2.92
N LEU A 345 -7.78 11.49 -3.53
CA LEU A 345 -6.64 11.91 -2.74
C LEU A 345 -6.89 13.22 -2.03
N GLU A 346 -7.65 14.13 -2.63
CA GLU A 346 -8.02 15.34 -1.92
C GLU A 346 -8.94 15.03 -0.74
N LEU A 347 -9.87 14.10 -0.92
CA LEU A 347 -10.75 13.70 0.18
C LEU A 347 -9.95 13.05 1.30
N LEU A 348 -9.06 12.14 0.93
CA LEU A 348 -8.23 11.52 1.98
CA LEU A 348 -8.22 11.52 1.96
C LEU A 348 -7.36 12.55 2.68
N ALA A 349 -6.76 13.49 1.94
CA ALA A 349 -5.99 14.53 2.59
C ALA A 349 -6.83 15.33 3.58
N GLU A 350 -8.05 15.72 3.18
CA GLU A 350 -8.91 16.45 4.10
C GLU A 350 -9.25 15.60 5.32
N GLU A 351 -9.57 14.32 5.13
CA GLU A 351 -9.91 13.48 6.28
C GLU A 351 -8.72 13.28 7.20
N VAL A 352 -7.51 13.15 6.64
CA VAL A 352 -6.34 12.98 7.50
C VAL A 352 -6.07 14.24 8.31
N ARG A 353 -6.15 15.42 7.67
N ARG A 353 -6.15 15.42 7.67
CA ARG A 353 -5.97 16.66 8.41
CA ARG A 353 -5.97 16.66 8.40
C ARG A 353 -7.03 16.81 9.51
C ARG A 353 -7.03 16.83 9.49
N ASP A 354 -8.28 16.53 9.16
CA ASP A 354 -9.38 16.64 10.12
C ASP A 354 -9.14 15.73 11.32
N ALA A 355 -8.82 14.47 11.03
CA ALA A 355 -8.67 13.50 12.13
C ALA A 355 -7.47 13.86 13.00
N MET A 356 -6.35 14.27 12.38
CA MET A 356 -5.19 14.63 13.16
C MET A 356 -5.48 15.79 14.09
N GLY A 357 -6.14 16.82 13.56
CA GLY A 357 -6.37 17.99 14.41
C GLY A 357 -7.39 17.72 15.50
N LEU A 358 -8.46 16.99 15.17
CA LEU A 358 -9.43 16.61 16.20
C LEU A 358 -8.77 15.78 17.27
N ALA A 359 -7.69 15.04 16.94
CA ALA A 359 -6.98 14.25 17.95
C ALA A 359 -5.80 14.99 18.59
N GLY A 360 -5.65 16.29 18.31
CA GLY A 360 -4.64 17.08 18.97
C GLY A 360 -3.26 16.94 18.40
N CYS A 361 -3.15 16.58 17.12
CA CYS A 361 -1.84 16.27 16.54
C CYS A 361 -1.48 17.25 15.45
N GLU A 362 -0.43 18.00 15.69
CA GLU A 362 0.03 18.98 14.71
CA GLU A 362 0.05 18.98 14.73
C GLU A 362 0.96 18.35 13.69
N SER A 363 1.39 17.12 13.90
CA SER A 363 2.30 16.44 13.01
C SER A 363 2.03 14.95 13.07
N VAL A 364 2.45 14.22 12.05
CA VAL A 364 2.34 12.75 12.06
C VAL A 364 3.13 12.15 13.22
N GLY A 365 4.27 12.72 13.57
CA GLY A 365 4.98 12.19 14.74
C GLY A 365 4.13 12.24 16.01
N ALA A 366 3.40 13.34 16.21
CA ALA A 366 2.50 13.40 17.36
C ALA A 366 1.41 12.33 17.27
N ALA A 367 0.87 12.08 16.04
CA ALA A 367 -0.13 11.06 15.91
C ALA A 367 0.41 9.66 16.27
N ARG A 368 1.70 9.42 16.00
CA ARG A 368 2.27 8.12 16.38
C ARG A 368 2.34 7.96 17.89
N ARG A 369 2.32 9.06 18.66
CA ARG A 369 2.36 8.97 20.12
C ARG A 369 0.97 8.89 20.74
N LEU A 370 -0.10 8.97 19.92
CA LEU A 370 -1.42 8.73 20.48
C LEU A 370 -1.57 7.31 20.99
N ASN A 371 -2.39 7.17 22.02
CA ASN A 371 -2.76 5.85 22.49
C ASN A 371 -4.09 5.41 21.89
N THR A 372 -4.31 4.11 21.92
CA THR A 372 -5.51 3.48 21.38
C THR A 372 -6.12 2.55 22.42
N LYS A 373 -7.37 2.19 22.16
CA LYS A 373 -8.08 1.22 23.03
C LYS A 373 -8.88 0.32 22.11
N LEU A 374 -8.79 -1.00 22.31
CA LEU A 374 -9.68 -1.88 21.56
C LEU A 374 -11.11 -1.86 22.12
N GLY A 375 -12.07 -1.85 21.21
CA GLY A 375 -13.47 -1.82 21.59
C GLY A 375 -14.20 -3.00 21.01
N VAL A 376 -15.53 -3.01 21.11
CA VAL A 376 -16.35 -4.07 20.55
C VAL A 376 -17.25 -3.44 19.51
N VAL A 377 -17.36 -4.09 18.36
CA VAL A 377 -18.26 -3.64 17.31
C VAL A 377 -19.31 -4.73 17.16
#